data_3P0G
#
_entry.id   3P0G
#
_cell.length_a   236.686
_cell.length_b   45.660
_cell.length_c   71.375
_cell.angle_alpha   90.00
_cell.angle_beta   102.34
_cell.angle_gamma   90.00
#
_symmetry.space_group_name_H-M   'C 1 2 1'
#
loop_
_entity.id
_entity.type
_entity.pdbx_description
1 polymer 'Beta-2 adrenergic receptor, Lysozyme'
2 polymer 'Camelid Antibody Fragment'
3 non-polymer 8-[(1R)-2-{[1,1-dimethyl-2-(2-methylphenyl)ethyl]amino}-1-hydroxyethyl]-5-hydroxy-2H-1,4-benzoxazin-3(4H)-one
#
loop_
_entity_poly.entity_id
_entity_poly.type
_entity_poly.pdbx_seq_one_letter_code
_entity_poly.pdbx_strand_id
1 'polypeptide(L)'
;DYKDDDDAMGQPGNGSAFLLAPNRSHAPDHDVTQQRDEVWVVGMGIVMSLIVLAIVFGNVLVITAIAKFERLQTVTNYFI
TSLACADLVMGLAVVPFGAAHILMKMWTFGNFWCEFWTSIDVLCVTASIETLCVIAVDRYFAITSPFKYQSLLTKNKARV
IILMVWIVSGLTSFLPIQMHWYRATHQEAINCYAEETCCDFFTNQAYAIASSIVSFYVPLVIMVFVYSRVFQEAKRQLNI
FEMLRIDEGLRLKIYKDTEGYYTIGIGHLLTKSPSLNAAKSELDKAIGRNTNGVITKDEAEKLFNQDVDAAVRGILRNAK
LKPVYDSLDAVRRAALINMVFQMGETGVAGFTNSLRMLQQKRWDEAAVNLAKSRWYNQTPNRAKRVITTFRTGTWDAYKF
CLKEHKALKTLGIIMGTFTLCWLPFFIVNIVHVIQDNLIRKEVYILLNWIGYVNSGFNPLIYCRSPDFRIAFQELLCLRR
SSLKAYGNGYSSNGNTGEQSG
;
A
2 'polypeptide(L)'
;QVQLQESGGGLVQAGGSLRLSCAASGSIFSINTMGWYRQAPGKQRELVAAIHSGGSTNYANSVKGRFTISRDNAANTVYL
QMNSLKPEDTAVYYCNVKDYGAVLYEYDYWGQGTQVTVSSHHHHHH
;
B
#
loop_
_chem_comp.id
_chem_comp.type
_chem_comp.name
_chem_comp.formula
P0G non-polymer 8-[(1R)-2-{[1,1-dimethyl-2-(2-methylphenyl)ethyl]amino}-1-hydroxyethyl]-5-hydroxy-2H-1,4-benzoxazin-3(4H)-one 'C21 H26 N2 O4'
#
# COMPACT_ATOMS: atom_id res chain seq x y z
N ASP A 31 17.89 11.42 -42.30
CA ASP A 31 17.70 10.26 -43.15
C ASP A 31 16.26 9.75 -43.13
N VAL A 32 15.66 9.54 -44.32
CA VAL A 32 14.28 9.04 -44.46
C VAL A 32 14.08 8.08 -45.66
N THR A 33 14.32 6.79 -45.41
CA THR A 33 14.15 5.70 -46.39
C THR A 33 13.04 4.77 -45.87
N GLN A 34 12.99 3.51 -46.35
CA GLN A 34 12.01 2.51 -45.90
C GLN A 34 12.64 1.54 -44.86
N GLN A 35 13.83 1.90 -44.33
CA GLN A 35 14.56 1.14 -43.32
C GLN A 35 14.68 1.91 -42.00
N ARG A 36 14.86 3.25 -42.05
CA ARG A 36 14.98 4.16 -40.89
C ARG A 36 13.80 4.03 -39.88
N ASP A 37 12.67 3.49 -40.36
CA ASP A 37 11.42 3.24 -39.63
C ASP A 37 11.54 1.93 -38.83
N GLU A 38 12.08 0.87 -39.47
CA GLU A 38 12.32 -0.47 -38.92
C GLU A 38 13.41 -0.47 -37.82
N VAL A 39 13.90 0.73 -37.44
CA VAL A 39 14.90 0.95 -36.41
C VAL A 39 14.25 1.58 -35.18
N TRP A 40 13.42 2.63 -35.37
CA TRP A 40 12.66 3.28 -34.29
C TRP A 40 11.67 2.25 -33.70
N VAL A 41 11.25 1.28 -34.53
CA VAL A 41 10.38 0.16 -34.17
C VAL A 41 11.12 -0.80 -33.22
N VAL A 42 12.38 -1.21 -33.56
CA VAL A 42 13.22 -2.09 -32.73
C VAL A 42 13.71 -1.33 -31.49
N GLY A 43 13.86 -0.01 -31.62
CA GLY A 43 14.23 0.87 -30.53
C GLY A 43 13.12 1.01 -29.50
N MET A 44 11.85 1.13 -29.96
CA MET A 44 10.67 1.20 -29.09
C MET A 44 10.40 -0.20 -28.56
N GLY A 45 10.53 -1.20 -29.46
CA GLY A 45 10.34 -2.63 -29.19
C GLY A 45 11.15 -3.22 -28.06
N ILE A 46 12.37 -2.73 -27.84
CA ILE A 46 13.17 -3.20 -26.72
C ILE A 46 12.86 -2.43 -25.44
N VAL A 47 12.49 -1.11 -25.56
CA VAL A 47 12.09 -0.26 -24.42
C VAL A 47 10.85 -0.86 -23.79
N MET A 48 9.91 -1.36 -24.64
CA MET A 48 8.70 -2.05 -24.21
C MET A 48 9.09 -3.34 -23.49
N SER A 49 9.98 -4.15 -24.09
CA SER A 49 10.43 -5.39 -23.48
C SER A 49 11.20 -5.23 -22.15
N LEU A 50 11.61 -3.99 -21.80
CA LEU A 50 12.25 -3.66 -20.50
C LEU A 50 11.11 -3.52 -19.50
N ILE A 51 10.11 -2.68 -19.87
CA ILE A 51 8.90 -2.34 -19.11
C ILE A 51 8.19 -3.62 -18.69
N VAL A 52 7.92 -4.50 -19.66
CA VAL A 52 7.26 -5.79 -19.52
C VAL A 52 7.96 -6.75 -18.55
N LEU A 53 9.30 -6.64 -18.44
CA LEU A 53 10.15 -7.45 -17.59
C LEU A 53 10.23 -6.89 -16.19
N ALA A 54 10.36 -5.55 -16.08
CA ALA A 54 10.40 -4.77 -14.85
C ALA A 54 9.07 -4.93 -14.10
N ILE A 55 7.94 -4.93 -14.85
CA ILE A 55 6.60 -5.13 -14.32
C ILE A 55 6.50 -6.55 -13.75
N VAL A 56 6.95 -7.57 -14.52
CA VAL A 56 6.92 -8.97 -14.09
C VAL A 56 7.89 -9.27 -12.92
N PHE A 57 9.20 -8.95 -13.09
CA PHE A 57 10.23 -9.20 -12.08
C PHE A 57 9.84 -8.70 -10.70
N GLY A 58 9.46 -7.42 -10.63
CA GLY A 58 9.11 -6.72 -9.41
C GLY A 58 7.97 -7.32 -8.63
N ASN A 59 6.97 -7.84 -9.36
CA ASN A 59 5.77 -8.42 -8.77
C ASN A 59 5.90 -9.94 -8.49
N VAL A 60 6.68 -10.66 -9.30
CA VAL A 60 6.97 -12.06 -9.05
C VAL A 60 7.86 -12.18 -7.78
N LEU A 61 8.64 -11.12 -7.48
CA LEU A 61 9.51 -11.07 -6.31
C LEU A 61 8.70 -10.70 -5.07
N VAL A 62 7.81 -9.72 -5.18
CA VAL A 62 6.96 -9.28 -4.08
C VAL A 62 6.01 -10.40 -3.62
N ILE A 63 5.35 -11.12 -4.59
CA ILE A 63 4.42 -12.21 -4.28
C ILE A 63 5.12 -13.36 -3.56
N THR A 64 6.31 -13.81 -4.07
CA THR A 64 7.12 -14.89 -3.50
C THR A 64 7.63 -14.52 -2.11
N ALA A 65 8.05 -13.24 -1.92
CA ALA A 65 8.53 -12.71 -0.64
C ALA A 65 7.48 -12.93 0.44
N ILE A 66 6.24 -12.42 0.24
CA ILE A 66 5.12 -12.53 1.17
C ILE A 66 4.71 -13.99 1.35
N ALA A 67 4.77 -14.79 0.27
CA ALA A 67 4.42 -16.22 0.25
C ALA A 67 5.43 -17.13 0.96
N LYS A 68 6.73 -16.77 0.94
CA LYS A 68 7.79 -17.58 1.54
C LYS A 68 8.23 -17.17 2.95
N PHE A 69 8.20 -15.86 3.25
CA PHE A 69 8.57 -15.29 4.56
C PHE A 69 7.39 -14.96 5.43
N GLU A 70 7.37 -15.57 6.63
CA GLU A 70 6.32 -15.43 7.62
C GLU A 70 6.16 -14.00 8.17
N ARG A 71 7.30 -13.35 8.55
CA ARG A 71 7.37 -11.99 9.11
C ARG A 71 6.74 -10.89 8.21
N LEU A 72 6.34 -11.26 6.97
CA LEU A 72 5.69 -10.39 5.98
C LEU A 72 4.18 -10.62 5.90
N GLN A 73 3.61 -11.45 6.78
CA GLN A 73 2.19 -11.75 6.73
C GLN A 73 1.29 -10.71 7.46
N THR A 74 1.45 -9.41 7.13
CA THR A 74 0.67 -8.32 7.76
C THR A 74 -0.59 -7.97 6.92
N VAL A 75 -1.63 -7.37 7.57
CA VAL A 75 -2.90 -6.95 6.90
C VAL A 75 -2.58 -6.07 5.69
N THR A 76 -1.76 -5.01 5.91
CA THR A 76 -1.28 -4.05 4.91
C THR A 76 -0.55 -4.83 3.80
N ASN A 77 0.13 -5.93 4.17
CA ASN A 77 0.81 -6.78 3.18
C ASN A 77 -0.11 -7.64 2.34
N TYR A 78 -1.35 -7.88 2.82
CA TYR A 78 -2.35 -8.60 2.04
C TYR A 78 -2.88 -7.69 0.95
N PHE A 79 -2.79 -6.39 1.23
CA PHE A 79 -3.19 -5.38 0.28
C PHE A 79 -2.08 -5.14 -0.73
N ILE A 80 -0.78 -5.23 -0.32
CA ILE A 80 0.35 -5.13 -1.26
C ILE A 80 0.21 -6.30 -2.28
N THR A 81 -0.19 -7.50 -1.80
CA THR A 81 -0.37 -8.72 -2.61
C THR A 81 -1.38 -8.55 -3.72
N SER A 82 -2.60 -8.07 -3.39
CA SER A 82 -3.71 -7.86 -4.33
C SER A 82 -3.26 -6.93 -5.50
N LEU A 83 -2.42 -5.91 -5.16
CA LEU A 83 -1.81 -4.94 -6.07
C LEU A 83 -0.73 -5.63 -6.91
N ALA A 84 0.05 -6.54 -6.27
CA ALA A 84 1.13 -7.30 -6.90
C ALA A 84 0.64 -8.34 -7.91
N CYS A 85 -0.62 -8.80 -7.80
CA CYS A 85 -1.19 -9.74 -8.78
C CYS A 85 -1.79 -8.95 -9.91
N ALA A 86 -2.36 -7.78 -9.58
CA ALA A 86 -2.93 -6.81 -10.52
C ALA A 86 -1.85 -6.25 -11.46
N ASP A 87 -0.65 -5.98 -10.93
CA ASP A 87 0.47 -5.44 -11.71
C ASP A 87 1.17 -6.54 -12.48
N LEU A 88 1.19 -7.78 -11.96
CA LEU A 88 1.82 -8.91 -12.64
C LEU A 88 1.06 -9.25 -13.93
N VAL A 89 -0.28 -9.23 -13.88
CA VAL A 89 -1.17 -9.51 -15.01
C VAL A 89 -1.12 -8.42 -16.11
N MET A 90 -0.64 -7.21 -15.74
CA MET A 90 -0.46 -6.05 -16.62
C MET A 90 0.64 -6.33 -17.63
N GLY A 91 1.86 -6.56 -17.13
CA GLY A 91 3.03 -6.87 -17.94
C GLY A 91 3.10 -8.33 -18.34
N LEU A 92 2.00 -9.09 -18.10
CA LEU A 92 1.92 -10.49 -18.48
C LEU A 92 0.93 -10.71 -19.60
N ALA A 93 -0.29 -10.19 -19.51
CA ALA A 93 -1.25 -10.43 -20.58
C ALA A 93 -1.57 -9.20 -21.42
N VAL A 94 -1.51 -8.00 -20.80
CA VAL A 94 -1.85 -6.71 -21.39
C VAL A 94 -0.70 -6.00 -22.13
N VAL A 95 0.38 -5.65 -21.41
CA VAL A 95 1.56 -4.96 -21.96
C VAL A 95 2.19 -5.76 -23.10
N PRO A 96 2.41 -7.10 -22.99
CA PRO A 96 3.00 -7.85 -24.13
C PRO A 96 2.19 -7.74 -25.43
N PHE A 97 0.84 -7.84 -25.33
CA PHE A 97 -0.08 -7.71 -26.46
C PHE A 97 -0.15 -6.27 -26.92
N GLY A 98 0.03 -5.35 -25.97
CA GLY A 98 0.09 -3.92 -26.22
C GLY A 98 1.28 -3.66 -27.12
N ALA A 99 2.46 -4.20 -26.74
CA ALA A 99 3.70 -4.09 -27.50
C ALA A 99 3.43 -4.51 -28.92
N ALA A 100 2.91 -5.74 -29.11
CA ALA A 100 2.56 -6.32 -30.42
C ALA A 100 1.72 -5.35 -31.23
N HIS A 101 0.42 -5.20 -30.91
CA HIS A 101 -0.56 -4.31 -31.54
C HIS A 101 0.04 -3.03 -32.11
N ILE A 102 0.98 -2.39 -31.34
CA ILE A 102 1.67 -1.15 -31.67
C ILE A 102 2.75 -1.39 -32.73
N LEU A 103 3.72 -2.27 -32.44
CA LEU A 103 4.80 -2.58 -33.37
C LEU A 103 4.29 -3.29 -34.63
N MET A 104 3.25 -4.12 -34.49
CA MET A 104 2.59 -4.81 -35.61
C MET A 104 1.87 -3.79 -36.47
N LYS A 105 1.54 -2.61 -35.88
CA LYS A 105 0.82 -1.49 -36.51
C LYS A 105 -0.58 -1.97 -36.99
N MET A 106 -1.05 -3.07 -36.36
CA MET A 106 -2.34 -3.77 -36.54
C MET A 106 -2.57 -4.88 -35.48
N TRP A 107 -3.74 -5.52 -35.52
CA TRP A 107 -4.17 -6.58 -34.60
C TRP A 107 -4.23 -7.91 -35.28
N THR A 108 -3.59 -8.93 -34.68
CA THR A 108 -3.56 -10.27 -35.27
C THR A 108 -4.23 -11.37 -34.43
N PHE A 109 -5.18 -10.99 -33.54
CA PHE A 109 -5.86 -11.94 -32.66
C PHE A 109 -7.38 -12.02 -32.76
N GLY A 110 -7.96 -11.29 -33.71
CA GLY A 110 -9.40 -11.34 -33.94
C GLY A 110 -10.21 -10.44 -33.05
N ASN A 111 -11.52 -10.28 -33.33
CA ASN A 111 -12.38 -9.38 -32.56
C ASN A 111 -12.80 -9.88 -31.20
N PHE A 112 -12.92 -11.20 -31.00
CA PHE A 112 -13.27 -11.69 -29.67
C PHE A 112 -12.06 -11.61 -28.75
N TRP A 113 -10.83 -11.87 -29.27
CA TRP A 113 -9.64 -11.74 -28.45
C TRP A 113 -9.32 -10.27 -28.17
N CYS A 114 -9.78 -9.37 -29.03
CA CYS A 114 -9.69 -7.93 -28.86
C CYS A 114 -10.61 -7.56 -27.68
N GLU A 115 -11.88 -8.07 -27.70
CA GLU A 115 -12.91 -7.90 -26.68
C GLU A 115 -12.38 -8.34 -25.33
N PHE A 116 -11.68 -9.47 -25.32
CA PHE A 116 -11.09 -10.10 -24.15
C PHE A 116 -9.94 -9.29 -23.54
N TRP A 117 -8.90 -8.98 -24.35
CA TRP A 117 -7.70 -8.22 -23.98
C TRP A 117 -8.03 -6.86 -23.39
N THR A 118 -9.01 -6.16 -23.97
CA THR A 118 -9.53 -4.84 -23.54
C THR A 118 -10.16 -4.99 -22.14
N SER A 119 -10.78 -6.15 -21.87
CA SER A 119 -11.41 -6.45 -20.61
C SER A 119 -10.38 -6.70 -19.52
N ILE A 120 -9.25 -7.35 -19.83
CA ILE A 120 -8.13 -7.58 -18.88
C ILE A 120 -7.52 -6.23 -18.48
N ASP A 121 -7.26 -5.41 -19.49
CA ASP A 121 -6.71 -4.06 -19.45
C ASP A 121 -7.44 -3.21 -18.41
N VAL A 122 -8.76 -3.12 -18.51
CA VAL A 122 -9.57 -2.34 -17.58
C VAL A 122 -9.57 -3.01 -16.18
N LEU A 123 -9.83 -4.34 -16.12
CA LEU A 123 -9.86 -5.18 -14.91
C LEU A 123 -8.61 -5.05 -14.02
N CYS A 124 -7.46 -4.89 -14.66
CA CYS A 124 -6.17 -4.73 -14.01
C CYS A 124 -5.89 -3.29 -13.60
N VAL A 125 -6.32 -2.30 -14.42
CA VAL A 125 -6.12 -0.89 -14.11
C VAL A 125 -6.97 -0.51 -12.89
N THR A 126 -8.23 -1.03 -12.82
CA THR A 126 -9.16 -0.80 -11.70
C THR A 126 -8.62 -1.47 -10.45
N ALA A 127 -8.13 -2.71 -10.59
CA ALA A 127 -7.55 -3.50 -9.50
C ALA A 127 -6.26 -2.83 -8.97
N SER A 128 -5.39 -2.32 -9.86
CA SER A 128 -4.22 -1.59 -9.45
C SER A 128 -4.66 -0.35 -8.61
N ILE A 129 -5.44 0.59 -9.20
CA ILE A 129 -5.92 1.84 -8.56
C ILE A 129 -6.80 1.72 -7.33
N GLU A 130 -7.69 0.72 -7.29
CA GLU A 130 -8.52 0.48 -6.11
C GLU A 130 -7.59 0.08 -4.97
N THR A 131 -6.75 -0.96 -5.20
CA THR A 131 -5.78 -1.49 -4.21
C THR A 131 -4.82 -0.44 -3.66
N LEU A 132 -4.44 0.55 -4.51
CA LEU A 132 -3.57 1.67 -4.14
C LEU A 132 -4.28 2.54 -3.10
N CYS A 133 -5.61 2.70 -3.27
CA CYS A 133 -6.41 3.49 -2.36
C CYS A 133 -6.91 2.69 -1.15
N VAL A 134 -6.96 1.35 -1.25
CA VAL A 134 -7.34 0.49 -0.12
C VAL A 134 -6.15 0.38 0.87
N ILE A 135 -4.90 0.34 0.37
CA ILE A 135 -3.70 0.34 1.18
C ILE A 135 -3.69 1.68 1.90
N ALA A 136 -4.00 2.79 1.18
CA ALA A 136 -4.06 4.18 1.68
C ALA A 136 -4.99 4.41 2.90
N VAL A 137 -6.28 3.98 2.84
CA VAL A 137 -7.26 4.07 3.96
C VAL A 137 -6.80 3.23 5.18
N ASP A 138 -6.31 2.00 4.89
CA ASP A 138 -5.81 0.99 5.81
C ASP A 138 -4.63 1.53 6.59
N ARG A 139 -3.64 2.08 5.86
CA ARG A 139 -2.44 2.64 6.46
C ARG A 139 -2.72 3.85 7.31
N TYR A 140 -3.60 4.75 6.84
CA TYR A 140 -4.01 5.90 7.62
C TYR A 140 -4.79 5.44 8.87
N PHE A 141 -5.61 4.37 8.78
CA PHE A 141 -6.33 3.92 9.97
C PHE A 141 -5.42 3.40 11.04
N ALA A 142 -4.37 2.68 10.65
CA ALA A 142 -3.38 2.14 11.58
C ALA A 142 -2.49 3.25 12.18
N ILE A 143 -2.08 4.25 11.34
CA ILE A 143 -1.27 5.39 11.75
C ILE A 143 -2.07 6.25 12.74
N THR A 144 -3.30 6.66 12.36
CA THR A 144 -4.19 7.45 13.19
C THR A 144 -4.64 6.63 14.40
N SER A 145 -5.48 5.58 14.23
CA SER A 145 -5.88 4.77 15.38
C SER A 145 -5.40 3.30 15.34
N PRO A 146 -4.24 3.00 15.98
CA PRO A 146 -3.74 1.62 15.97
C PRO A 146 -4.51 0.66 16.86
N PHE A 147 -5.22 1.19 17.88
CA PHE A 147 -5.96 0.36 18.83
C PHE A 147 -7.26 -0.17 18.27
N LYS A 148 -7.99 0.66 17.49
CA LYS A 148 -9.24 0.28 16.81
C LYS A 148 -8.93 -0.73 15.68
N TYR A 149 -7.94 -0.41 14.81
CA TYR A 149 -7.43 -1.20 13.68
C TYR A 149 -7.11 -2.65 14.08
N GLN A 150 -6.22 -2.83 15.10
CA GLN A 150 -5.78 -4.13 15.66
C GLN A 150 -6.98 -5.03 15.98
N SER A 151 -7.99 -4.47 16.65
CA SER A 151 -9.24 -5.14 17.01
C SER A 151 -10.14 -5.36 15.79
N LEU A 152 -10.40 -4.28 15.03
CA LEU A 152 -11.31 -4.32 13.90
C LEU A 152 -10.85 -5.04 12.65
N LEU A 153 -9.81 -4.55 11.96
CA LEU A 153 -9.35 -5.17 10.71
C LEU A 153 -8.68 -6.54 10.82
N THR A 154 -9.48 -7.61 10.66
CA THR A 154 -9.04 -9.02 10.68
C THR A 154 -8.46 -9.44 9.31
N LYS A 155 -8.10 -10.74 9.15
CA LYS A 155 -7.63 -11.34 7.89
C LYS A 155 -8.87 -11.65 7.09
N ASN A 156 -9.89 -12.21 7.77
CA ASN A 156 -11.19 -12.59 7.22
C ASN A 156 -12.10 -11.40 6.94
N LYS A 157 -11.63 -10.19 7.30
CA LYS A 157 -12.23 -8.90 6.97
C LYS A 157 -11.44 -8.41 5.74
N ALA A 158 -10.08 -8.38 5.82
CA ALA A 158 -9.15 -7.98 4.74
C ALA A 158 -9.31 -8.78 3.45
N ARG A 159 -9.50 -10.12 3.54
CA ARG A 159 -9.69 -11.01 2.39
C ARG A 159 -10.95 -10.58 1.68
N VAL A 160 -11.99 -10.20 2.47
CA VAL A 160 -13.29 -9.71 1.99
C VAL A 160 -13.22 -8.33 1.31
N ILE A 161 -12.30 -7.45 1.76
CA ILE A 161 -12.04 -6.14 1.14
C ILE A 161 -11.56 -6.41 -0.31
N ILE A 162 -10.62 -7.34 -0.44
CA ILE A 162 -9.98 -7.72 -1.69
C ILE A 162 -10.93 -8.36 -2.69
N LEU A 163 -11.89 -9.15 -2.21
CA LEU A 163 -12.86 -9.81 -3.10
C LEU A 163 -13.68 -8.75 -3.80
N MET A 164 -14.18 -7.80 -3.00
CA MET A 164 -14.96 -6.65 -3.40
C MET A 164 -14.19 -5.84 -4.47
N VAL A 165 -12.87 -5.57 -4.23
CA VAL A 165 -11.94 -4.82 -5.12
C VAL A 165 -11.93 -5.45 -6.49
N TRP A 166 -11.80 -6.79 -6.53
CA TRP A 166 -11.82 -7.54 -7.78
C TRP A 166 -13.23 -7.76 -8.32
N ILE A 167 -14.30 -7.68 -7.48
CA ILE A 167 -15.71 -7.82 -7.89
C ILE A 167 -16.12 -6.61 -8.73
N VAL A 168 -15.74 -5.39 -8.29
CA VAL A 168 -16.02 -4.15 -9.00
C VAL A 168 -15.13 -4.12 -10.24
N SER A 169 -13.81 -4.30 -10.07
CA SER A 169 -12.86 -4.35 -11.18
C SER A 169 -13.45 -5.15 -12.36
N GLY A 170 -14.05 -6.30 -12.05
CA GLY A 170 -14.67 -7.18 -13.03
C GLY A 170 -15.89 -6.56 -13.64
N LEU A 171 -16.76 -6.00 -12.78
CA LEU A 171 -18.00 -5.36 -13.19
C LEU A 171 -17.78 -4.16 -14.09
N THR A 172 -16.74 -3.33 -13.81
CA THR A 172 -16.40 -2.17 -14.65
C THR A 172 -15.71 -2.56 -15.99
N SER A 173 -15.17 -3.81 -16.08
CA SER A 173 -14.41 -4.31 -17.24
C SER A 173 -15.09 -5.39 -18.10
N PHE A 174 -15.32 -6.58 -17.52
CA PHE A 174 -15.90 -7.69 -18.27
C PHE A 174 -17.40 -7.52 -18.53
N LEU A 175 -18.19 -7.04 -17.55
CA LEU A 175 -19.63 -6.85 -17.76
C LEU A 175 -19.92 -5.84 -18.85
N PRO A 176 -19.34 -4.62 -18.88
CA PRO A 176 -19.73 -3.67 -19.93
C PRO A 176 -19.01 -3.79 -21.27
N ILE A 177 -17.75 -4.26 -21.28
CA ILE A 177 -17.01 -4.46 -22.52
C ILE A 177 -17.55 -5.69 -23.28
N GLN A 178 -17.49 -6.88 -22.62
CA GLN A 178 -17.91 -8.19 -23.13
C GLN A 178 -19.34 -8.22 -23.61
N MET A 179 -20.24 -7.55 -22.88
CA MET A 179 -21.66 -7.47 -23.19
C MET A 179 -22.04 -6.43 -24.24
N HIS A 180 -21.06 -5.67 -24.80
CA HIS A 180 -21.24 -4.61 -25.83
C HIS A 180 -21.86 -3.30 -25.33
N TRP A 181 -22.02 -3.18 -24.04
CA TRP A 181 -22.60 -1.98 -23.42
C TRP A 181 -21.65 -0.77 -23.52
N TYR A 182 -20.42 -1.01 -23.99
CA TYR A 182 -19.37 -0.02 -24.09
C TYR A 182 -19.29 0.59 -25.46
N ARG A 183 -19.74 -0.17 -26.48
CA ARG A 183 -19.70 0.14 -27.91
C ARG A 183 -20.12 1.52 -28.32
N ALA A 184 -19.40 2.05 -29.31
CA ALA A 184 -19.69 3.33 -29.90
C ALA A 184 -20.74 3.11 -31.02
N THR A 185 -21.33 4.21 -31.55
CA THR A 185 -22.36 4.18 -32.59
C THR A 185 -21.93 4.77 -33.95
N HIS A 186 -20.95 5.70 -33.96
CA HIS A 186 -20.48 6.32 -35.20
C HIS A 186 -19.92 5.29 -36.17
N GLN A 187 -20.12 5.50 -37.49
CA GLN A 187 -19.69 4.58 -38.53
C GLN A 187 -18.24 4.05 -38.43
N GLU A 188 -17.24 4.94 -38.14
CA GLU A 188 -15.81 4.59 -38.02
C GLU A 188 -15.57 3.39 -37.07
N ALA A 189 -16.31 3.36 -35.94
CA ALA A 189 -16.24 2.32 -34.92
C ALA A 189 -16.97 1.08 -35.40
N ILE A 190 -18.15 1.25 -36.05
CA ILE A 190 -18.96 0.16 -36.60
C ILE A 190 -18.13 -0.71 -37.54
N ASN A 191 -17.25 -0.07 -38.35
CA ASN A 191 -16.31 -0.72 -39.27
C ASN A 191 -15.24 -1.46 -38.48
N CYS A 192 -14.64 -0.79 -37.47
CA CYS A 192 -13.59 -1.35 -36.62
C CYS A 192 -14.07 -2.57 -35.86
N TYR A 193 -15.27 -2.49 -35.30
CA TYR A 193 -15.89 -3.57 -34.55
C TYR A 193 -16.09 -4.79 -35.42
N ALA A 194 -16.34 -4.58 -36.73
CA ALA A 194 -16.56 -5.63 -37.74
C ALA A 194 -15.24 -6.29 -38.20
N GLU A 195 -14.19 -5.44 -38.40
CA GLU A 195 -12.83 -5.78 -38.88
C GLU A 195 -12.00 -6.53 -37.83
N GLU A 196 -11.62 -7.78 -38.15
CA GLU A 196 -10.82 -8.65 -37.28
C GLU A 196 -9.38 -8.18 -37.08
N THR A 197 -8.83 -7.38 -38.01
CA THR A 197 -7.49 -6.81 -37.89
C THR A 197 -7.54 -5.47 -37.14
N CYS A 198 -8.74 -4.96 -36.78
CA CYS A 198 -8.92 -3.69 -36.05
C CYS A 198 -9.08 -3.93 -34.55
N CYS A 199 -8.26 -3.23 -33.72
CA CYS A 199 -8.39 -3.23 -32.25
C CYS A 199 -8.18 -1.90 -31.55
N ASP A 200 -8.89 -0.88 -32.06
CA ASP A 200 -8.94 0.47 -31.52
C ASP A 200 -10.12 0.53 -30.59
N PHE A 201 -9.86 1.02 -29.38
CA PHE A 201 -10.83 1.15 -28.32
C PHE A 201 -11.69 2.39 -28.57
N PHE A 202 -13.00 2.18 -28.79
CA PHE A 202 -13.97 3.23 -29.03
C PHE A 202 -15.10 3.08 -28.00
N THR A 203 -15.29 4.07 -27.11
CA THR A 203 -16.38 4.00 -26.12
C THR A 203 -17.42 5.05 -26.35
N ASN A 204 -18.63 4.85 -25.78
CA ASN A 204 -19.73 5.81 -25.82
C ASN A 204 -19.55 6.78 -24.66
N GLN A 205 -19.86 8.08 -24.89
CA GLN A 205 -19.66 9.17 -23.94
C GLN A 205 -19.84 8.76 -22.47
N ALA A 206 -20.87 7.95 -22.18
CA ALA A 206 -21.17 7.50 -20.83
C ALA A 206 -20.27 6.43 -20.24
N TYR A 207 -19.78 5.50 -21.04
CA TYR A 207 -18.91 4.47 -20.50
C TYR A 207 -17.63 5.11 -20.03
N ALA A 208 -16.97 5.85 -20.92
CA ALA A 208 -15.72 6.51 -20.63
C ALA A 208 -15.80 7.35 -19.35
N ILE A 209 -16.90 8.13 -19.11
CA ILE A 209 -17.09 8.93 -17.88
C ILE A 209 -17.28 8.02 -16.64
N ALA A 210 -18.28 7.11 -16.69
CA ALA A 210 -18.61 6.20 -15.62
C ALA A 210 -17.42 5.38 -15.16
N SER A 211 -16.69 4.78 -16.12
CA SER A 211 -15.52 3.95 -15.82
C SER A 211 -14.36 4.78 -15.28
N SER A 212 -14.15 6.02 -15.80
CA SER A 212 -13.09 6.92 -15.33
C SER A 212 -13.29 7.31 -13.86
N ILE A 213 -14.56 7.57 -13.45
CA ILE A 213 -14.93 7.89 -12.07
C ILE A 213 -14.70 6.70 -11.13
N VAL A 214 -15.11 5.48 -11.54
CA VAL A 214 -14.94 4.25 -10.76
C VAL A 214 -13.48 3.81 -10.67
N SER A 215 -12.80 3.62 -11.84
CA SER A 215 -11.41 3.17 -11.93
C SER A 215 -10.42 4.16 -11.40
N PHE A 216 -10.72 5.48 -11.48
CA PHE A 216 -9.72 6.46 -11.11
C PHE A 216 -10.06 7.61 -10.18
N TYR A 217 -11.07 8.44 -10.51
CA TYR A 217 -11.34 9.59 -9.66
C TYR A 217 -11.78 9.31 -8.23
N VAL A 218 -12.69 8.32 -8.01
CA VAL A 218 -13.13 7.91 -6.66
C VAL A 218 -11.88 7.49 -5.87
N PRO A 219 -11.06 6.52 -6.38
CA PRO A 219 -9.81 6.17 -5.66
C PRO A 219 -8.83 7.33 -5.48
N LEU A 220 -8.83 8.33 -6.40
CA LEU A 220 -7.99 9.53 -6.29
C LEU A 220 -8.46 10.42 -5.11
N VAL A 221 -9.78 10.78 -5.08
CA VAL A 221 -10.41 11.59 -4.03
C VAL A 221 -10.10 10.98 -2.68
N ILE A 222 -10.37 9.66 -2.53
CA ILE A 222 -10.13 8.88 -1.31
C ILE A 222 -8.67 9.03 -0.84
N MET A 223 -7.72 8.78 -1.76
CA MET A 223 -6.28 8.91 -1.51
C MET A 223 -5.84 10.33 -1.19
N VAL A 224 -6.52 11.34 -1.78
CA VAL A 224 -6.21 12.74 -1.52
C VAL A 224 -6.49 13.04 -0.07
N PHE A 225 -7.75 12.87 0.39
CA PHE A 225 -8.12 13.19 1.76
C PHE A 225 -7.62 12.25 2.83
N VAL A 226 -7.19 11.03 2.45
CA VAL A 226 -6.62 10.06 3.39
C VAL A 226 -5.18 10.47 3.77
N TYR A 227 -4.33 10.87 2.78
CA TYR A 227 -2.95 11.34 3.01
C TYR A 227 -2.94 12.80 3.46
N SER A 228 -4.08 13.51 3.27
CA SER A 228 -4.28 14.88 3.73
C SER A 228 -4.30 14.86 5.25
N ARG A 229 -5.16 13.99 5.85
CA ARG A 229 -5.27 13.82 7.30
C ARG A 229 -4.01 13.21 7.93
N VAL A 230 -3.11 12.61 7.12
CA VAL A 230 -1.83 12.06 7.59
C VAL A 230 -0.83 13.22 7.71
N PHE A 231 -0.77 14.08 6.67
CA PHE A 231 0.07 15.28 6.63
C PHE A 231 -0.35 16.29 7.74
N GLN A 232 -1.66 16.54 7.89
CA GLN A 232 -2.19 17.50 8.86
C GLN A 232 -2.04 17.08 10.32
N GLU A 233 -2.55 15.88 10.69
CA GLU A 233 -2.46 15.38 12.07
C GLU A 233 -1.02 15.26 12.56
N ALA A 234 -0.06 15.09 11.61
CA ALA A 234 1.38 15.02 11.92
C ALA A 234 1.91 16.38 12.39
N LYS A 235 1.46 17.48 11.75
CA LYS A 235 1.88 18.86 12.04
C LYS A 235 0.69 19.77 12.37
N LEU A 402 13.16 17.39 11.34
CA LEU A 402 14.23 16.58 10.74
C LEU A 402 13.69 15.20 10.33
N LYS A 403 13.19 14.42 11.30
CA LYS A 403 12.60 13.09 11.11
C LYS A 403 11.22 13.21 10.41
N GLU A 404 10.55 14.36 10.66
CA GLU A 404 9.25 14.76 10.11
C GLU A 404 9.30 14.89 8.59
N HIS A 405 10.43 15.35 8.03
CA HIS A 405 10.56 15.56 6.59
C HIS A 405 10.82 14.32 5.76
N LYS A 406 11.87 13.52 6.10
CA LYS A 406 12.23 12.32 5.33
C LYS A 406 11.11 11.25 5.29
N ALA A 407 10.17 11.32 6.25
CA ALA A 407 9.00 10.46 6.35
C ALA A 407 7.83 11.11 5.58
N LEU A 408 7.80 12.45 5.49
CA LEU A 408 6.78 13.21 4.74
C LEU A 408 7.16 13.26 3.25
N LYS A 409 8.45 13.04 2.96
CA LYS A 409 9.02 12.93 1.61
C LYS A 409 8.37 11.70 1.01
N THR A 410 8.15 10.66 1.86
CA THR A 410 7.52 9.36 1.56
C THR A 410 6.09 9.47 1.04
N LEU A 411 5.15 10.05 1.81
CA LEU A 411 3.77 10.22 1.27
C LEU A 411 3.73 11.10 0.00
N GLY A 412 4.83 11.82 -0.24
CA GLY A 412 5.07 12.64 -1.41
C GLY A 412 5.44 11.75 -2.59
N ILE A 413 6.30 10.73 -2.36
CA ILE A 413 6.67 9.75 -3.37
C ILE A 413 5.39 8.98 -3.72
N ILE A 414 4.68 8.43 -2.69
CA ILE A 414 3.43 7.66 -2.78
C ILE A 414 2.33 8.35 -3.63
N MET A 415 1.83 9.51 -3.16
CA MET A 415 0.76 10.25 -3.81
C MET A 415 1.21 10.79 -5.18
N GLY A 416 2.49 11.12 -5.31
CA GLY A 416 3.10 11.67 -6.51
C GLY A 416 3.16 10.72 -7.68
N THR A 417 4.05 9.71 -7.58
CA THR A 417 4.28 8.66 -8.59
C THR A 417 2.96 8.09 -9.07
N PHE A 418 1.92 8.15 -8.21
CA PHE A 418 0.60 7.69 -8.57
C PHE A 418 -0.08 8.66 -9.53
N THR A 419 -0.15 9.96 -9.18
CA THR A 419 -0.77 11.02 -10.00
C THR A 419 0.00 11.23 -11.28
N LEU A 420 1.32 11.46 -11.17
CA LEU A 420 2.26 11.62 -12.27
C LEU A 420 2.09 10.55 -13.36
N CYS A 421 1.52 9.37 -13.01
CA CYS A 421 1.30 8.25 -13.93
C CYS A 421 -0.14 8.03 -14.43
N TRP A 422 -1.17 8.33 -13.58
CA TRP A 422 -2.59 8.11 -13.92
C TRP A 422 -3.46 9.31 -14.20
N LEU A 423 -3.20 10.49 -13.58
CA LEU A 423 -4.00 11.70 -13.89
C LEU A 423 -3.86 12.18 -15.36
N PRO A 424 -2.64 12.27 -15.97
CA PRO A 424 -2.55 12.59 -17.41
C PRO A 424 -3.55 11.78 -18.25
N PHE A 425 -3.45 10.42 -18.22
CA PHE A 425 -4.34 9.54 -18.99
C PHE A 425 -5.83 9.74 -18.74
N PHE A 426 -6.23 9.87 -17.47
CA PHE A 426 -7.64 10.00 -17.15
C PHE A 426 -8.26 11.36 -17.39
N ILE A 427 -7.46 12.45 -17.33
CA ILE A 427 -7.97 13.78 -17.61
C ILE A 427 -8.17 13.93 -19.12
N VAL A 428 -7.34 13.25 -19.87
CA VAL A 428 -7.42 13.18 -21.32
C VAL A 428 -8.71 12.43 -21.77
N ASN A 429 -9.12 11.38 -21.02
CA ASN A 429 -10.33 10.57 -21.24
C ASN A 429 -11.59 11.43 -21.13
N ILE A 430 -11.56 12.40 -20.23
CA ILE A 430 -12.66 13.32 -19.97
C ILE A 430 -12.69 14.40 -21.06
N VAL A 431 -11.50 14.99 -21.40
CA VAL A 431 -11.34 16.00 -22.46
C VAL A 431 -11.82 15.41 -23.79
N HIS A 432 -11.42 14.17 -24.10
CA HIS A 432 -11.88 13.54 -25.32
C HIS A 432 -13.36 13.18 -25.34
N VAL A 433 -14.00 13.14 -24.16
CA VAL A 433 -15.44 12.86 -24.04
C VAL A 433 -16.24 14.10 -24.41
N ILE A 434 -15.76 15.28 -23.95
CA ILE A 434 -16.36 16.57 -24.24
C ILE A 434 -15.99 16.84 -25.70
N GLN A 435 -14.87 17.55 -25.91
CA GLN A 435 -14.38 17.90 -27.24
C GLN A 435 -13.86 16.69 -28.00
N ASP A 436 -14.70 16.19 -28.93
CA ASP A 436 -14.34 15.12 -29.85
C ASP A 436 -13.24 15.71 -30.75
N ASN A 437 -12.24 14.88 -31.14
CA ASN A 437 -11.12 15.33 -31.97
C ASN A 437 -10.42 16.51 -31.26
N LEU A 438 -9.81 16.21 -30.11
CA LEU A 438 -9.04 17.18 -29.32
C LEU A 438 -7.86 16.49 -28.67
N ILE A 439 -7.77 15.16 -28.84
CA ILE A 439 -6.70 14.28 -28.39
C ILE A 439 -6.29 13.33 -29.54
N ARG A 440 -4.98 13.23 -29.81
CA ARG A 440 -4.42 12.38 -30.87
C ARG A 440 -4.16 10.96 -30.33
N LYS A 441 -4.43 9.88 -31.13
CA LYS A 441 -4.15 8.49 -30.69
C LYS A 441 -2.70 8.37 -30.24
N GLU A 442 -1.78 9.08 -30.94
CA GLU A 442 -0.36 9.17 -30.63
C GLU A 442 -0.24 9.55 -29.16
N VAL A 443 -0.96 10.61 -28.72
CA VAL A 443 -0.95 11.08 -27.33
C VAL A 443 -1.66 10.14 -26.36
N TYR A 444 -2.91 9.74 -26.67
CA TYR A 444 -3.71 8.84 -25.82
C TYR A 444 -2.97 7.53 -25.45
N ILE A 445 -2.39 6.83 -26.45
CA ILE A 445 -1.63 5.60 -26.22
C ILE A 445 -0.37 5.90 -25.41
N LEU A 446 0.40 6.96 -25.77
CA LEU A 446 1.61 7.36 -25.03
C LEU A 446 1.30 7.61 -23.54
N LEU A 447 0.13 8.21 -23.30
CA LEU A 447 -0.35 8.49 -21.96
C LEU A 447 -0.76 7.22 -21.19
N ASN A 448 -1.40 6.24 -21.88
CA ASN A 448 -1.80 4.98 -21.23
C ASN A 448 -0.56 4.19 -20.81
N TRP A 449 0.45 4.17 -21.67
CA TRP A 449 1.72 3.50 -21.45
C TRP A 449 2.53 4.03 -20.28
N ILE A 450 2.26 5.28 -19.87
CA ILE A 450 2.94 5.88 -18.70
C ILE A 450 2.32 5.21 -17.46
N GLY A 451 1.00 5.10 -17.47
CA GLY A 451 0.26 4.44 -16.39
C GLY A 451 0.58 2.97 -16.31
N TYR A 452 0.75 2.29 -17.49
CA TYR A 452 1.11 0.87 -17.61
C TYR A 452 2.42 0.65 -16.90
N VAL A 453 3.29 1.68 -16.94
CA VAL A 453 4.61 1.70 -16.32
C VAL A 453 4.49 1.82 -14.77
N ASN A 454 3.49 2.55 -14.23
CA ASN A 454 3.29 2.67 -12.77
C ASN A 454 3.31 1.30 -12.08
N SER A 455 2.81 0.27 -12.76
CA SER A 455 2.75 -1.10 -12.29
C SER A 455 4.12 -1.70 -11.94
N GLY A 456 5.17 -1.13 -12.53
CA GLY A 456 6.55 -1.52 -12.27
C GLY A 456 7.13 -0.78 -11.08
N PHE A 457 6.57 0.40 -10.75
CA PHE A 457 7.03 1.23 -9.63
C PHE A 457 6.57 0.70 -8.32
N ASN A 458 5.24 0.41 -8.18
CA ASN A 458 4.59 -0.12 -6.96
C ASN A 458 5.48 -1.04 -6.11
N PRO A 459 6.22 -2.05 -6.68
CA PRO A 459 7.11 -2.85 -5.83
C PRO A 459 8.16 -1.98 -5.13
N LEU A 460 8.76 -1.02 -5.86
CA LEU A 460 9.76 -0.08 -5.34
C LEU A 460 9.21 0.88 -4.29
N ILE A 461 7.89 1.22 -4.31
CA ILE A 461 7.24 2.13 -3.36
C ILE A 461 6.72 1.42 -2.11
N TYR A 462 5.95 0.36 -2.31
CA TYR A 462 5.28 -0.36 -1.24
C TYR A 462 6.07 -1.44 -0.53
N CYS A 463 7.17 -1.92 -1.12
CA CYS A 463 7.94 -2.98 -0.49
C CYS A 463 9.30 -2.54 0.03
N ARG A 464 9.30 -1.40 0.77
CA ARG A 464 10.51 -0.82 1.35
C ARG A 464 10.75 -1.19 2.84
N SER A 465 9.85 -2.03 3.41
CA SER A 465 9.92 -2.58 4.77
C SER A 465 11.28 -3.32 4.95
N PRO A 466 11.93 -3.23 6.15
CA PRO A 466 13.23 -3.88 6.33
C PRO A 466 13.16 -5.39 6.22
N ASP A 467 11.99 -5.94 6.53
CA ASP A 467 11.65 -7.36 6.43
C ASP A 467 11.50 -7.77 4.95
N PHE A 468 11.03 -6.84 4.08
CA PHE A 468 10.93 -7.05 2.62
C PHE A 468 12.34 -7.04 2.13
N ARG A 469 13.09 -5.97 2.51
CA ARG A 469 14.51 -5.73 2.19
C ARG A 469 15.33 -7.00 2.49
N ILE A 470 15.09 -7.65 3.66
CA ILE A 470 15.72 -8.90 4.09
C ILE A 470 15.20 -10.08 3.27
N ALA A 471 13.86 -10.16 3.07
CA ALA A 471 13.20 -11.24 2.32
C ALA A 471 13.73 -11.31 0.91
N PHE A 472 13.76 -10.17 0.20
CA PHE A 472 14.20 -10.02 -1.18
C PHE A 472 15.58 -10.56 -1.46
N GLN A 473 16.57 -10.15 -0.65
CA GLN A 473 17.96 -10.57 -0.82
C GLN A 473 18.16 -12.07 -0.60
N GLU A 474 17.43 -12.65 0.37
CA GLU A 474 17.46 -14.09 0.68
C GLU A 474 17.01 -14.91 -0.52
N LEU A 475 15.92 -14.45 -1.19
CA LEU A 475 15.33 -15.03 -2.41
C LEU A 475 16.29 -14.80 -3.60
N LEU A 476 16.92 -13.61 -3.65
CA LEU A 476 17.88 -13.24 -4.70
C LEU A 476 19.25 -13.85 -4.42
N CYS A 477 19.27 -14.89 -3.56
CA CYS A 477 20.39 -15.75 -3.19
C CYS A 477 21.63 -14.98 -2.70
N LEU A 478 21.36 -13.94 -1.88
CA LEU A 478 22.34 -13.05 -1.27
C LEU A 478 22.48 -13.31 0.25
N ARG A 479 21.35 -13.34 1.01
CA ARG A 479 21.33 -13.58 2.47
C ARG A 479 21.62 -15.03 2.88
N ARG A 480 21.43 -15.33 4.20
CA ARG A 480 21.63 -16.60 4.91
C ARG A 480 23.10 -16.91 5.28
N VAL B 2 18.87 5.43 18.10
CA VAL B 2 18.25 6.06 19.27
C VAL B 2 17.88 5.00 20.34
N GLN B 3 18.13 5.29 21.65
CA GLN B 3 17.88 4.34 22.77
C GLN B 3 16.76 4.71 23.76
N LEU B 4 16.14 3.67 24.37
CA LEU B 4 15.06 3.82 25.34
C LEU B 4 15.60 3.69 26.76
N GLN B 5 15.52 4.80 27.51
CA GLN B 5 16.08 4.95 28.85
C GLN B 5 15.07 4.66 30.00
N GLU B 6 14.89 3.36 30.35
CA GLU B 6 13.97 2.95 31.43
C GLU B 6 14.54 3.10 32.84
N SER B 7 13.64 3.30 33.81
CA SER B 7 13.96 3.44 35.24
C SER B 7 12.66 3.20 36.02
N GLY B 8 12.77 3.00 37.33
CA GLY B 8 11.64 2.75 38.21
C GLY B 8 11.54 1.31 38.67
N GLY B 9 12.33 0.44 38.05
CA GLY B 9 12.37 -0.99 38.33
C GLY B 9 13.06 -1.34 39.64
N GLY B 10 12.57 -2.40 40.27
CA GLY B 10 13.12 -2.90 41.53
C GLY B 10 12.05 -3.45 42.45
N LEU B 11 12.49 -4.05 43.56
CA LEU B 11 11.63 -4.63 44.59
C LEU B 11 10.74 -3.60 45.28
N VAL B 12 9.53 -4.04 45.67
CA VAL B 12 8.51 -3.24 46.33
C VAL B 12 7.53 -4.19 47.05
N GLN B 13 7.00 -3.78 48.23
CA GLN B 13 6.06 -4.62 48.97
C GLN B 13 4.72 -4.67 48.25
N ALA B 14 4.11 -5.89 48.19
CA ALA B 14 2.81 -6.13 47.57
C ALA B 14 1.75 -5.12 48.08
N GLY B 15 0.92 -4.65 47.17
CA GLY B 15 -0.08 -3.63 47.45
C GLY B 15 0.54 -2.25 47.42
N GLY B 16 1.82 -2.19 47.05
CA GLY B 16 2.58 -0.96 46.98
C GLY B 16 2.27 -0.14 45.75
N SER B 17 3.30 0.55 45.25
CA SER B 17 3.23 1.39 44.04
C SER B 17 4.61 1.67 43.51
N LEU B 18 4.66 2.06 42.23
CA LEU B 18 5.88 2.42 41.50
C LEU B 18 5.55 3.22 40.26
N ARG B 19 6.55 3.91 39.71
CA ARG B 19 6.42 4.69 38.50
C ARG B 19 7.50 4.24 37.55
N LEU B 20 7.11 3.59 36.46
CA LEU B 20 8.07 3.17 35.46
C LEU B 20 8.20 4.33 34.47
N SER B 21 9.42 4.81 34.21
CA SER B 21 9.66 5.90 33.27
C SER B 21 10.58 5.45 32.14
N CYS B 22 10.33 5.98 30.93
CA CYS B 22 11.13 5.65 29.74
C CYS B 22 11.28 6.82 28.79
N ALA B 23 12.51 7.32 28.69
CA ALA B 23 12.89 8.42 27.83
C ALA B 23 13.39 7.84 26.52
N ALA B 24 12.70 8.20 25.44
CA ALA B 24 13.06 7.77 24.10
C ALA B 24 14.08 8.79 23.67
N SER B 25 15.36 8.47 23.91
CA SER B 25 16.46 9.37 23.58
C SER B 25 16.70 9.39 22.08
N GLY B 26 16.36 10.51 21.44
CA GLY B 26 16.57 10.72 20.02
C GLY B 26 15.39 11.15 19.20
N SER B 27 15.62 11.23 17.87
CA SER B 27 14.64 11.62 16.86
C SER B 27 13.73 10.45 16.56
N ILE B 28 12.44 10.66 16.81
CA ILE B 28 11.35 9.71 16.62
C ILE B 28 10.28 10.53 15.95
N PHE B 29 9.61 9.96 14.93
CA PHE B 29 8.53 10.64 14.21
C PHE B 29 7.37 11.01 15.16
N SER B 30 6.73 12.20 14.91
CA SER B 30 5.62 12.81 15.65
C SER B 30 4.39 11.92 15.97
N ILE B 31 4.15 10.90 15.12
CA ILE B 31 3.09 9.89 15.24
C ILE B 31 3.79 8.56 15.63
N ASN B 32 3.51 8.06 16.84
CA ASN B 32 4.13 6.85 17.40
C ASN B 32 3.37 6.32 18.61
N THR B 33 3.56 5.04 18.97
CA THR B 33 2.91 4.49 20.17
C THR B 33 3.93 3.89 21.14
N MET B 34 4.14 4.59 22.26
CA MET B 34 5.05 4.14 23.31
C MET B 34 4.25 3.27 24.28
N GLY B 35 4.75 2.08 24.54
CA GLY B 35 4.08 1.15 25.42
C GLY B 35 5.00 0.30 26.26
N TRP B 36 4.39 -0.44 27.18
CA TRP B 36 5.12 -1.32 28.08
C TRP B 36 4.75 -2.77 27.83
N TYR B 37 5.75 -3.68 27.85
CA TYR B 37 5.61 -5.13 27.60
C TYR B 37 6.25 -5.96 28.75
N ARG B 38 5.48 -6.89 29.39
CA ARG B 38 6.02 -7.67 30.50
C ARG B 38 6.31 -9.15 30.30
N GLN B 39 7.61 -9.52 30.43
CA GLN B 39 8.09 -10.90 30.33
C GLN B 39 7.93 -11.59 31.68
N ALA B 40 6.91 -12.46 31.77
CA ALA B 40 6.60 -13.24 32.97
C ALA B 40 7.71 -14.29 33.17
N PRO B 41 8.07 -14.66 34.44
CA PRO B 41 9.17 -15.63 34.67
C PRO B 41 9.23 -16.85 33.74
N GLY B 42 10.08 -16.73 32.71
CA GLY B 42 10.30 -17.75 31.68
C GLY B 42 9.07 -18.09 30.85
N LYS B 43 8.23 -17.09 30.57
CA LYS B 43 7.00 -17.28 29.80
C LYS B 43 7.01 -16.43 28.50
N GLN B 44 5.85 -15.90 28.05
CA GLN B 44 5.70 -15.07 26.83
C GLN B 44 5.59 -13.54 27.12
N ARG B 45 6.13 -12.71 26.20
CA ARG B 45 6.07 -11.24 26.28
C ARG B 45 4.63 -10.83 25.98
N GLU B 46 4.04 -10.00 26.87
CA GLU B 46 2.66 -9.54 26.77
C GLU B 46 2.64 -8.04 27.01
N LEU B 47 1.87 -7.27 26.21
CA LEU B 47 1.74 -5.82 26.37
C LEU B 47 1.02 -5.47 27.67
N VAL B 48 1.62 -4.59 28.48
CA VAL B 48 1.07 -4.10 29.74
C VAL B 48 0.09 -2.96 29.44
N ALA B 49 0.61 -1.84 28.87
CA ALA B 49 -0.19 -0.67 28.51
C ALA B 49 0.51 0.15 27.43
N ALA B 50 -0.25 0.70 26.45
CA ALA B 50 0.28 1.50 25.34
C ALA B 50 -0.43 2.82 25.24
N ILE B 51 0.24 3.83 24.68
CA ILE B 51 -0.32 5.17 24.51
C ILE B 51 0.10 5.81 23.19
N HIS B 52 -0.88 6.09 22.32
CA HIS B 52 -0.62 6.70 21.02
C HIS B 52 -0.30 8.19 21.15
N SER B 53 0.59 8.71 20.28
CA SER B 53 0.98 10.11 20.24
C SER B 53 -0.11 10.94 19.53
N GLY B 54 -1.26 10.99 20.17
CA GLY B 54 -2.46 11.67 19.70
C GLY B 54 -3.48 11.62 20.81
N GLY B 55 -3.33 10.63 21.66
CA GLY B 55 -4.15 10.45 22.85
C GLY B 55 -5.22 9.40 22.73
N SER B 56 -4.87 8.15 23.11
CA SER B 56 -5.71 6.96 23.21
C SER B 56 -4.89 5.85 23.82
N THR B 57 -5.52 5.05 24.70
CA THR B 57 -4.90 3.95 25.46
C THR B 57 -5.27 2.53 25.02
N ASN B 58 -4.66 1.53 25.68
CA ASN B 58 -4.85 0.10 25.49
C ASN B 58 -4.15 -0.59 26.65
N TYR B 59 -4.81 -0.61 27.82
CA TYR B 59 -4.25 -1.28 29.00
C TYR B 59 -4.67 -2.74 28.93
N ALA B 60 -3.70 -3.68 29.13
CA ALA B 60 -4.00 -5.11 29.17
C ALA B 60 -4.96 -5.33 30.36
N ASN B 61 -6.18 -5.83 30.06
CA ASN B 61 -7.30 -6.02 30.99
C ASN B 61 -7.04 -6.40 32.45
N SER B 62 -5.92 -7.11 32.72
CA SER B 62 -5.45 -7.54 34.04
C SER B 62 -5.00 -6.34 34.91
N VAL B 63 -4.26 -5.39 34.31
CA VAL B 63 -3.72 -4.18 34.94
C VAL B 63 -4.67 -2.97 34.84
N LYS B 64 -5.82 -3.16 34.18
CA LYS B 64 -6.86 -2.15 34.02
C LYS B 64 -7.48 -1.82 35.38
N GLY B 65 -7.53 -0.53 35.67
CA GLY B 65 -8.05 0.01 36.93
C GLY B 65 -6.93 0.48 37.86
N ARG B 66 -5.86 -0.36 37.97
CA ARG B 66 -4.69 -0.12 38.81
C ARG B 66 -3.61 0.74 38.14
N PHE B 67 -2.87 0.18 37.17
CA PHE B 67 -1.79 0.81 36.42
C PHE B 67 -2.38 1.86 35.50
N THR B 68 -1.72 3.02 35.35
CA THR B 68 -2.18 4.11 34.46
C THR B 68 -1.05 4.80 33.68
N ILE B 69 -1.02 4.58 32.33
CA ILE B 69 -0.04 5.12 31.39
C ILE B 69 -0.38 6.54 30.91
N SER B 70 0.64 7.36 30.86
CA SER B 70 0.62 8.76 30.46
C SER B 70 1.88 9.01 29.64
N ARG B 71 2.01 10.19 29.01
CA ARG B 71 3.19 10.54 28.20
C ARG B 71 3.45 12.03 28.04
N ASP B 72 4.72 12.39 27.86
CA ASP B 72 5.07 13.78 27.57
C ASP B 72 5.45 13.88 26.10
N ASN B 73 4.83 14.83 25.39
CA ASN B 73 5.11 15.05 23.97
C ASN B 73 6.19 16.09 23.76
N ALA B 74 6.70 16.64 24.87
CA ALA B 74 7.77 17.62 24.83
C ALA B 74 9.08 16.89 24.54
N ALA B 75 9.51 16.00 25.48
CA ALA B 75 10.74 15.22 25.38
C ALA B 75 10.54 13.78 24.89
N ASN B 76 9.27 13.31 24.86
CA ASN B 76 8.90 11.95 24.48
C ASN B 76 9.38 10.89 25.49
N THR B 77 8.72 10.93 26.67
CA THR B 77 8.94 10.06 27.83
C THR B 77 7.58 9.51 28.29
N VAL B 78 7.51 8.20 28.62
CA VAL B 78 6.29 7.50 29.08
C VAL B 78 6.29 7.09 30.56
N TYR B 79 5.19 7.35 31.28
CA TYR B 79 5.08 7.02 32.70
C TYR B 79 3.94 6.09 33.03
N LEU B 80 4.26 4.82 33.25
CA LEU B 80 3.29 3.80 33.67
C LEU B 80 3.32 3.81 35.20
N GLN B 81 2.35 4.50 35.79
CA GLN B 81 2.24 4.60 37.24
C GLN B 81 1.49 3.37 37.72
N MET B 82 2.24 2.37 38.21
CA MET B 82 1.70 1.10 38.67
C MET B 82 1.31 1.12 40.13
N ASN B 83 0.01 1.24 40.41
CA ASN B 83 -0.47 1.22 41.79
C ASN B 83 -1.02 -0.15 42.14
N SER B 84 -1.13 -0.46 43.46
CA SER B 84 -1.63 -1.71 44.03
C SER B 84 -0.97 -3.00 43.48
N LEU B 85 0.36 -2.92 43.22
CA LEU B 85 1.25 -3.97 42.67
C LEU B 85 1.10 -5.35 43.31
N LYS B 86 0.35 -6.23 42.64
CA LYS B 86 0.10 -7.60 43.08
C LYS B 86 1.27 -8.50 42.66
N PRO B 87 1.51 -9.68 43.30
CA PRO B 87 2.65 -10.52 42.87
C PRO B 87 2.51 -11.16 41.48
N GLU B 88 1.43 -10.81 40.76
CA GLU B 88 1.12 -11.23 39.39
C GLU B 88 1.77 -10.23 38.41
N ASP B 89 2.13 -9.04 38.96
CA ASP B 89 2.78 -7.93 38.26
C ASP B 89 4.30 -8.01 38.25
N THR B 90 4.84 -9.05 38.93
CA THR B 90 6.26 -9.34 38.98
C THR B 90 6.63 -9.90 37.62
N ALA B 91 7.44 -9.12 36.85
CA ALA B 91 7.90 -9.45 35.50
C ALA B 91 8.88 -8.42 35.02
N VAL B 92 9.59 -8.72 33.92
CA VAL B 92 10.52 -7.75 33.33
C VAL B 92 9.69 -6.85 32.39
N TYR B 93 9.69 -5.54 32.65
CA TYR B 93 8.95 -4.57 31.85
C TYR B 93 9.88 -3.95 30.81
N TYR B 94 9.48 -3.97 29.51
CA TYR B 94 10.27 -3.41 28.41
C TYR B 94 9.59 -2.17 27.85
N CYS B 95 10.39 -1.21 27.39
CA CYS B 95 9.86 -0.03 26.75
C CYS B 95 9.81 -0.30 25.26
N ASN B 96 8.77 0.18 24.58
CA ASN B 96 8.61 -0.02 23.14
C ASN B 96 7.93 1.14 22.45
N VAL B 97 8.55 1.65 21.38
CA VAL B 97 7.93 2.67 20.52
C VAL B 97 7.68 2.09 19.12
N LYS B 98 6.46 2.25 18.62
CA LYS B 98 6.10 1.83 17.27
C LYS B 98 6.23 3.12 16.51
N ASP B 99 6.87 3.12 15.32
CA ASP B 99 7.08 4.34 14.53
C ASP B 99 6.41 4.41 13.12
N TYR B 100 5.29 5.16 13.00
CA TYR B 100 4.55 5.35 11.74
C TYR B 100 5.22 6.48 10.96
N GLY B 101 5.30 6.35 9.62
CA GLY B 101 5.96 7.33 8.76
C GLY B 101 7.48 7.18 8.76
N ALA B 102 8.14 6.57 7.71
CA ALA B 102 7.69 5.95 6.46
C ALA B 102 6.35 5.30 6.65
N VAL B 103 5.35 5.93 6.06
CA VAL B 103 3.92 5.67 6.19
C VAL B 103 3.35 4.30 5.85
N LEU B 104 4.15 3.32 5.39
CA LEU B 104 3.57 2.02 5.02
C LEU B 104 3.75 0.87 6.03
N TYR B 105 4.73 1.00 6.94
CA TYR B 105 5.10 0.01 7.97
C TYR B 105 5.54 0.67 9.29
N GLU B 106 5.58 -0.12 10.39
CA GLU B 106 6.01 0.43 11.69
C GLU B 106 7.36 -0.04 12.19
N TYR B 107 8.29 0.93 12.34
CA TYR B 107 9.66 0.75 12.83
C TYR B 107 9.56 0.50 14.32
N ASP B 108 10.01 -0.68 14.76
CA ASP B 108 9.92 -1.09 16.16
C ASP B 108 11.22 -0.88 16.95
N TYR B 109 11.12 -0.08 18.03
CA TYR B 109 12.21 0.26 18.93
C TYR B 109 11.99 -0.39 20.30
N TRP B 110 12.98 -1.19 20.78
CA TRP B 110 12.86 -1.87 22.07
C TRP B 110 13.87 -1.44 23.17
N GLY B 111 13.56 -1.80 24.42
CA GLY B 111 14.36 -1.51 25.59
C GLY B 111 14.89 -2.76 26.28
N GLN B 112 16.01 -2.62 27.04
CA GLN B 112 16.65 -3.73 27.75
C GLN B 112 15.80 -4.35 28.86
N GLY B 113 14.94 -3.56 29.49
CA GLY B 113 14.03 -4.06 30.51
C GLY B 113 14.35 -3.76 31.95
N THR B 114 13.35 -3.19 32.67
CA THR B 114 13.43 -2.86 34.09
C THR B 114 12.67 -3.90 34.90
N GLN B 115 13.43 -4.76 35.59
CA GLN B 115 12.95 -5.82 36.45
C GLN B 115 12.11 -5.23 37.60
N VAL B 116 10.94 -5.84 37.89
CA VAL B 116 10.08 -5.43 39.00
C VAL B 116 9.74 -6.67 39.82
N THR B 117 10.17 -6.70 41.08
CA THR B 117 9.91 -7.84 41.95
C THR B 117 8.97 -7.42 43.06
N VAL B 118 7.72 -7.90 42.99
CA VAL B 118 6.73 -7.62 44.01
C VAL B 118 6.76 -8.73 45.07
N SER B 119 7.28 -8.40 46.25
CA SER B 119 7.43 -9.34 47.37
C SER B 119 6.25 -9.29 48.34
N SER B 120 6.00 -10.45 48.99
CA SER B 120 4.98 -10.65 50.00
C SER B 120 5.71 -11.06 51.32
N HIS B 121 6.73 -10.25 51.72
CA HIS B 121 7.55 -10.47 52.93
C HIS B 121 6.69 -10.15 54.16
N HIS B 122 6.14 -11.22 54.78
CA HIS B 122 5.25 -11.14 55.92
C HIS B 122 6.00 -11.24 57.25
CAA P0G C . -7.67 -1.25 -27.14
CAB P0G C . -8.36 -0.29 -23.67
CAC P0G C . -7.45 2.00 -24.21
OAD P0G C . -12.74 5.06 -20.67
OAE P0G C . -11.36 2.80 -16.57
OAF P0G C . -6.01 1.24 -19.60
CAG P0G C . -5.70 1.61 -28.69
CAH P0G C . -5.01 2.12 -27.58
CAI P0G C . -6.55 0.52 -28.52
CAJ P0G C . -5.16 1.53 -26.31
CAK P0G C . -9.18 1.96 -17.07
CAL P0G C . -8.15 1.73 -17.98
CAM P0G C . -10.55 4.47 -21.12
CAN P0G C . -7.57 0.96 -21.38
CAO P0G C . -6.07 -0.13 -24.68
NAP P0G C . -6.51 0.68 -22.38
NAQ P0G C . -11.63 3.81 -19.10
OAR P0G C . -9.52 3.44 -20.95
CAS P0G C . -11.70 4.49 -20.32
CAT P0G C . -6.70 -0.07 -27.24
CAU P0G C . -10.34 2.63 -17.45
CAV P0G C . -6.01 0.44 -26.12
CAW P0G C . -8.25 2.20 -19.29
CAX P0G C . -10.44 3.13 -18.74
CAY P0G C . -9.41 2.94 -19.67
CAZ P0G C . -7.08 1.91 -20.26
CBA P0G C . -7.08 0.57 -23.74
#